data_3ZYN
#
_entry.id   3ZYN
#
_cell.length_a   157.100
_cell.length_b   57.260
_cell.length_c   100.430
_cell.angle_alpha   90.00
_cell.angle_beta   117.76
_cell.angle_gamma   90.00
#
_symmetry.space_group_name_H-M   'C 1 2 1'
#
loop_
_entity.id
_entity.type
_entity.pdbx_description
1 polymer 'LEUCINE-RICH REPEAT-CONTAINING PROTEIN 4B'
2 non-polymer 2-acetamido-2-deoxy-beta-D-glucopyranose
#
_entity_poly.entity_id   1
_entity_poly.type   'polypeptide(L)'
_entity_poly.pdbx_seq_one_letter_code
;ETGTSCPAACSCSNQASRVICTRRELAEVPASIPVNTRYLNLQENSIQVIRTDTFKHLRHLEILQLSKNLVRKIEVGAFN
GLPSLNTLELFDNRLTTVPTQAFEYLSKLRELWLRNNPIESIPSYAFNRVPSLRRLDLGELKRLEYISEAAFEGLVNLRY
LNLGMCNLKDIPNLTALVRLEELELSGNRLDLIRPGSFQGLTSLRKLWLMHAQVATIERNAFDDLKSLEELNLSHNNLMS
LPHDLFTPLHRLERVHLNHNPWHCNCDVLWLSWWLKETVPSNTTCCARCHAPAGLKGRYIGELDQSHFTCYAGTKHHHHH
H
;
_entity_poly.pdbx_strand_id   A,B
#
# COMPACT_ATOMS: atom_id res chain seq x y z
N THR A 4 -32.81 -35.12 2.90
CA THR A 4 -32.82 -34.55 1.52
C THR A 4 -33.86 -33.42 1.40
N SER A 5 -34.04 -32.67 2.48
CA SER A 5 -35.03 -31.61 2.54
C SER A 5 -34.56 -30.38 1.78
N CYS A 6 -35.51 -29.65 1.19
CA CYS A 6 -35.24 -28.42 0.50
C CYS A 6 -35.58 -27.23 1.42
N PRO A 7 -34.68 -26.23 1.50
CA PRO A 7 -35.01 -25.05 2.29
C PRO A 7 -36.16 -24.28 1.66
N ALA A 8 -36.95 -23.63 2.50
CA ALA A 8 -38.13 -22.89 2.07
C ALA A 8 -37.87 -21.99 0.86
N ALA A 9 -36.78 -21.23 0.91
CA ALA A 9 -36.51 -20.19 -0.08
C ALA A 9 -35.69 -20.65 -1.30
N CYS A 10 -35.31 -21.92 -1.34
CA CYS A 10 -34.48 -22.44 -2.44
C CYS A 10 -35.24 -23.39 -3.36
N SER A 11 -34.74 -23.54 -4.57
CA SER A 11 -35.27 -24.50 -5.54
C SER A 11 -34.27 -25.64 -5.69
N CYS A 12 -34.66 -26.84 -5.27
CA CYS A 12 -33.76 -27.97 -5.18
C CYS A 12 -34.04 -28.99 -6.28
N SER A 13 -33.07 -29.14 -7.18
CA SER A 13 -33.19 -30.05 -8.31
C SER A 13 -32.59 -31.42 -7.99
N ASN A 14 -32.90 -32.39 -8.85
CA ASN A 14 -32.37 -33.74 -8.74
C ASN A 14 -32.81 -34.38 -7.42
N GLN A 15 -31.93 -35.20 -6.85
CA GLN A 15 -32.07 -35.68 -5.48
C GLN A 15 -31.32 -34.73 -4.54
N ALA A 16 -31.59 -33.44 -4.68
CA ALA A 16 -31.00 -32.42 -3.82
C ALA A 16 -29.50 -32.29 -4.02
N SER A 17 -29.05 -32.40 -5.28
CA SER A 17 -27.65 -32.18 -5.61
C SER A 17 -27.39 -30.75 -6.07
N ARG A 18 -28.38 -30.14 -6.73
CA ARG A 18 -28.25 -28.79 -7.26
C ARG A 18 -29.29 -27.88 -6.61
N VAL A 19 -28.82 -27.00 -5.72
CA VAL A 19 -29.70 -26.09 -5.00
C VAL A 19 -29.45 -24.64 -5.40
N ILE A 20 -30.52 -23.98 -5.85
CA ILE A 20 -30.47 -22.59 -6.29
C ILE A 20 -31.33 -21.73 -5.39
N CYS A 21 -30.80 -20.57 -5.00
CA CYS A 21 -31.45 -19.66 -4.05
C CYS A 21 -31.25 -18.20 -4.47
N THR A 22 -31.36 -17.95 -5.78
CA THR A 22 -31.05 -16.62 -6.35
C THR A 22 -32.24 -15.69 -6.39
N ARG A 23 -31.96 -14.41 -6.63
CA ARG A 23 -32.97 -13.36 -6.80
C ARG A 23 -33.96 -13.29 -5.62
N ARG A 24 -33.55 -13.85 -4.49
CA ARG A 24 -34.35 -13.86 -3.27
C ARG A 24 -33.87 -12.69 -2.43
N GLU A 25 -34.58 -12.37 -1.37
CA GLU A 25 -34.18 -11.25 -0.51
C GLU A 25 -33.55 -11.79 0.77
N LEU A 26 -32.60 -12.72 0.61
CA LEU A 26 -31.97 -13.40 1.75
C LEU A 26 -30.98 -12.49 2.46
N ALA A 27 -31.18 -12.34 3.77
CA ALA A 27 -30.28 -11.56 4.61
C ALA A 27 -29.16 -12.45 5.17
N GLU A 28 -29.51 -13.70 5.48
CA GLU A 28 -28.54 -14.67 6.01
C GLU A 28 -28.61 -15.98 5.23
N VAL A 29 -27.58 -16.81 5.42
CA VAL A 29 -27.51 -18.12 4.75
C VAL A 29 -28.61 -19.04 5.27
N PRO A 30 -29.41 -19.63 4.36
CA PRO A 30 -30.56 -20.44 4.76
C PRO A 30 -30.15 -21.78 5.37
N ALA A 31 -31.05 -22.38 6.14
CA ALA A 31 -30.76 -23.62 6.86
C ALA A 31 -31.36 -24.83 6.15
N SER A 32 -30.99 -26.01 6.63
CA SER A 32 -31.53 -27.28 6.14
C SER A 32 -31.06 -27.67 4.74
N ILE A 33 -29.87 -27.22 4.35
CA ILE A 33 -29.37 -27.53 3.01
C ILE A 33 -29.02 -29.02 3.01
N PRO A 34 -29.60 -29.79 2.07
CA PRO A 34 -29.41 -31.24 2.12
C PRO A 34 -27.95 -31.66 1.94
N VAL A 35 -27.55 -32.70 2.68
CA VAL A 35 -26.18 -33.18 2.67
C VAL A 35 -25.73 -33.61 1.27
N ASN A 36 -26.68 -34.06 0.45
CA ASN A 36 -26.40 -34.48 -0.93
C ASN A 36 -26.01 -33.35 -1.89
N THR A 37 -26.09 -32.09 -1.45
CA THR A 37 -25.79 -30.94 -2.31
C THR A 37 -24.34 -30.91 -2.80
N ARG A 38 -24.19 -30.86 -4.13
CA ARG A 38 -22.90 -30.72 -4.79
C ARG A 38 -22.76 -29.37 -5.49
N TYR A 39 -23.85 -28.60 -5.54
CA TYR A 39 -23.85 -27.28 -6.16
C TYR A 39 -24.77 -26.36 -5.36
N LEU A 40 -24.28 -25.19 -4.99
CA LEU A 40 -25.06 -24.20 -4.22
C LEU A 40 -24.90 -22.80 -4.79
N ASN A 41 -26.02 -22.19 -5.20
CA ASN A 41 -26.03 -20.86 -5.79
C ASN A 41 -26.86 -19.89 -4.96
N LEU A 42 -26.18 -19.09 -4.15
CA LEU A 42 -26.82 -18.07 -3.31
C LEU A 42 -26.63 -16.66 -3.89
N GLN A 43 -26.45 -16.56 -5.20
CA GLN A 43 -26.13 -15.27 -5.83
C GLN A 43 -27.31 -14.32 -5.86
N GLU A 44 -27.03 -13.02 -5.82
CA GLU A 44 -28.03 -11.96 -5.81
C GLU A 44 -28.92 -12.05 -4.59
N ASN A 45 -28.30 -11.88 -3.43
CA ASN A 45 -28.98 -11.80 -2.14
C ASN A 45 -28.30 -10.74 -1.29
N SER A 46 -28.87 -10.46 -0.12
CA SER A 46 -28.35 -9.43 0.78
C SER A 46 -27.62 -10.02 1.98
N ILE A 47 -26.82 -11.06 1.75
CA ILE A 47 -26.07 -11.69 2.82
C ILE A 47 -24.86 -10.84 3.18
N GLN A 48 -24.69 -10.54 4.47
CA GLN A 48 -23.59 -9.70 4.95
C GLN A 48 -22.50 -10.50 5.68
N VAL A 49 -22.88 -11.57 6.38
CA VAL A 49 -21.94 -12.30 7.21
C VAL A 49 -22.01 -13.80 6.97
N ILE A 50 -20.86 -14.46 7.05
CA ILE A 50 -20.78 -15.92 7.03
C ILE A 50 -20.10 -16.39 8.31
N ARG A 51 -20.70 -17.37 8.96
CA ARG A 51 -20.27 -17.76 10.31
C ARG A 51 -19.56 -19.11 10.37
N THR A 52 -18.77 -19.28 11.43
CA THR A 52 -18.04 -20.52 11.69
C THR A 52 -18.96 -21.73 11.53
N ASP A 53 -18.54 -22.69 10.71
CA ASP A 53 -19.27 -23.95 10.51
C ASP A 53 -20.66 -23.79 9.89
N THR A 54 -20.87 -22.72 9.12
CA THR A 54 -22.15 -22.50 8.44
C THR A 54 -22.45 -23.63 7.45
N PHE A 55 -21.40 -24.25 6.89
CA PHE A 55 -21.54 -25.30 5.89
C PHE A 55 -21.00 -26.66 6.34
N LYS A 56 -20.81 -26.85 7.65
CA LYS A 56 -20.06 -28.01 8.12
C LYS A 56 -20.67 -29.35 7.68
N HIS A 57 -21.99 -29.42 7.58
CA HIS A 57 -22.69 -30.67 7.26
C HIS A 57 -22.65 -31.11 5.81
N LEU A 58 -22.12 -30.26 4.92
CA LEU A 58 -22.15 -30.53 3.47
C LEU A 58 -20.85 -31.17 2.98
N ARG A 59 -20.73 -32.48 3.21
CA ARG A 59 -19.54 -33.23 2.81
C ARG A 59 -19.29 -33.20 1.29
N HIS A 60 -20.35 -33.13 0.49
CA HIS A 60 -20.23 -33.31 -0.96
C HIS A 60 -20.23 -32.06 -1.79
N LEU A 61 -20.36 -30.89 -1.16
CA LEU A 61 -20.40 -29.63 -1.87
C LEU A 61 -19.13 -29.42 -2.71
N GLU A 62 -19.30 -29.24 -4.03
CA GLU A 62 -18.19 -29.00 -4.96
C GLU A 62 -18.12 -27.53 -5.41
N ILE A 63 -19.28 -26.93 -5.69
CA ILE A 63 -19.35 -25.54 -6.18
C ILE A 63 -20.24 -24.70 -5.27
N LEU A 64 -19.67 -23.59 -4.79
CA LEU A 64 -20.34 -22.71 -3.81
C LEU A 64 -20.31 -21.27 -4.30
N GLN A 65 -21.47 -20.78 -4.76
CA GLN A 65 -21.58 -19.44 -5.32
C GLN A 65 -22.22 -18.46 -4.33
N LEU A 66 -21.40 -17.62 -3.70
CA LEU A 66 -21.84 -16.64 -2.72
C LEU A 66 -21.63 -15.22 -3.25
N SER A 67 -21.55 -15.09 -4.56
CA SER A 67 -21.25 -13.81 -5.19
C SER A 67 -22.49 -12.93 -5.25
N LYS A 68 -22.29 -11.69 -5.67
CA LYS A 68 -23.36 -10.70 -5.79
C LYS A 68 -24.18 -10.66 -4.51
N ASN A 69 -23.52 -10.34 -3.42
CA ASN A 69 -24.12 -10.23 -2.09
C ASN A 69 -23.57 -8.97 -1.39
N LEU A 70 -23.82 -8.85 -0.09
CA LEU A 70 -23.27 -7.75 0.71
C LEU A 70 -22.22 -8.22 1.71
N VAL A 71 -21.57 -9.34 1.43
CA VAL A 71 -20.73 -10.00 2.44
C VAL A 71 -19.51 -9.15 2.83
N ARG A 72 -19.45 -8.80 4.10
CA ARG A 72 -18.36 -7.97 4.63
C ARG A 72 -17.55 -8.69 5.71
N LYS A 73 -18.13 -9.69 6.36
CA LYS A 73 -17.48 -10.42 7.45
C LYS A 73 -17.54 -11.93 7.21
N ILE A 74 -16.37 -12.56 7.15
CA ILE A 74 -16.27 -14.02 7.03
C ILE A 74 -15.46 -14.55 8.19
N GLU A 75 -16.14 -15.14 9.17
CA GLU A 75 -15.49 -15.58 10.40
C GLU A 75 -14.54 -16.76 10.18
N VAL A 76 -13.69 -16.99 11.17
CA VAL A 76 -12.72 -18.09 11.13
C VAL A 76 -13.46 -19.41 10.98
N GLY A 77 -12.98 -20.26 10.07
CA GLY A 77 -13.56 -21.58 9.84
C GLY A 77 -14.97 -21.54 9.30
N ALA A 78 -15.28 -20.50 8.52
CA ALA A 78 -16.60 -20.39 7.92
C ALA A 78 -16.82 -21.51 6.91
N PHE A 79 -15.76 -21.91 6.21
CA PHE A 79 -15.87 -22.97 5.21
C PHE A 79 -15.34 -24.32 5.71
N ASN A 80 -15.34 -24.51 7.03
CA ASN A 80 -15.00 -25.80 7.61
C ASN A 80 -15.99 -26.85 7.12
N GLY A 81 -15.49 -28.08 6.98
CA GLY A 81 -16.33 -29.23 6.64
C GLY A 81 -16.70 -29.38 5.18
N LEU A 82 -15.82 -28.93 4.29
CA LEU A 82 -16.08 -28.92 2.84
C LEU A 82 -14.89 -29.51 2.06
N PRO A 83 -14.55 -30.77 2.34
CA PRO A 83 -13.39 -31.40 1.72
C PRO A 83 -13.58 -31.79 0.25
N SER A 84 -14.81 -31.70 -0.24
CA SER A 84 -15.12 -32.00 -1.64
C SER A 84 -15.22 -30.69 -2.47
N LEU A 85 -15.11 -29.55 -1.79
CA LEU A 85 -15.24 -28.23 -2.41
C LEU A 85 -14.16 -27.94 -3.44
N ASN A 86 -14.60 -27.59 -4.64
CA ASN A 86 -13.73 -27.24 -5.76
C ASN A 86 -13.69 -25.73 -5.99
N THR A 87 -14.84 -25.15 -6.33
CA THR A 87 -14.93 -23.72 -6.68
C THR A 87 -15.61 -22.91 -5.58
N LEU A 88 -15.01 -21.77 -5.23
CA LEU A 88 -15.57 -20.85 -4.24
C LEU A 88 -15.64 -19.43 -4.81
N GLU A 89 -16.85 -18.94 -5.07
CA GLU A 89 -17.04 -17.64 -5.68
C GLU A 89 -17.49 -16.59 -4.66
N LEU A 90 -16.78 -15.47 -4.63
CA LEU A 90 -17.02 -14.41 -3.66
C LEU A 90 -17.01 -13.00 -4.27
N PHE A 91 -17.20 -12.90 -5.58
CA PHE A 91 -17.11 -11.61 -6.26
C PHE A 91 -18.35 -10.75 -6.05
N ASP A 92 -18.26 -9.47 -6.39
CA ASP A 92 -19.32 -8.49 -6.17
C ASP A 92 -19.82 -8.52 -4.72
N ASN A 93 -18.89 -8.34 -3.79
CA ASN A 93 -19.21 -8.30 -2.36
C ASN A 93 -18.48 -7.12 -1.72
N ARG A 94 -18.57 -7.01 -0.40
CA ARG A 94 -18.04 -5.85 0.31
C ARG A 94 -16.91 -6.25 1.29
N LEU A 95 -15.98 -7.05 0.80
CA LEU A 95 -14.86 -7.50 1.62
C LEU A 95 -13.76 -6.44 1.60
N THR A 96 -13.37 -5.94 2.77
CA THR A 96 -12.33 -4.91 2.89
C THR A 96 -10.92 -5.51 2.99
N THR A 97 -10.85 -6.81 3.29
CA THR A 97 -9.59 -7.55 3.36
C THR A 97 -9.80 -8.97 2.86
N VAL A 98 -8.71 -9.64 2.49
CA VAL A 98 -8.81 -11.03 2.03
C VAL A 98 -9.08 -11.92 3.23
N PRO A 99 -9.96 -12.93 3.06
CA PRO A 99 -10.44 -13.71 4.19
C PRO A 99 -9.53 -14.90 4.54
N THR A 100 -8.28 -14.60 4.88
CA THR A 100 -7.26 -15.61 5.15
C THR A 100 -7.69 -16.64 6.17
N GLN A 101 -8.14 -16.13 7.32
CA GLN A 101 -8.58 -16.95 8.44
C GLN A 101 -9.65 -18.00 8.10
N ALA A 102 -10.54 -17.66 7.17
CA ALA A 102 -11.64 -18.56 6.77
C ALA A 102 -11.13 -19.88 6.21
N PHE A 103 -10.01 -19.82 5.50
CA PHE A 103 -9.41 -20.98 4.82
C PHE A 103 -8.91 -22.04 5.82
N GLU A 104 -9.14 -23.31 5.51
CA GLU A 104 -8.67 -24.42 6.36
C GLU A 104 -8.12 -25.56 5.50
N TYR A 105 -6.83 -25.44 5.17
CA TYR A 105 -6.16 -26.26 4.13
C TYR A 105 -7.12 -27.07 3.25
N LEU A 106 -7.87 -26.36 2.41
CA LEU A 106 -8.86 -26.95 1.51
C LEU A 106 -8.15 -27.49 0.26
N SER A 107 -7.62 -28.71 0.36
CA SER A 107 -6.76 -29.29 -0.66
C SER A 107 -7.46 -29.51 -2.00
N LYS A 108 -8.79 -29.60 -1.98
CA LYS A 108 -9.54 -29.79 -3.22
C LYS A 108 -9.94 -28.45 -3.84
N LEU A 109 -9.77 -27.35 -3.11
CA LEU A 109 -10.13 -26.03 -3.64
C LEU A 109 -9.25 -25.72 -4.82
N ARG A 110 -9.86 -25.37 -5.95
CA ARG A 110 -9.12 -25.09 -7.18
C ARG A 110 -9.36 -23.69 -7.75
N GLU A 111 -10.58 -23.19 -7.64
CA GLU A 111 -10.87 -21.83 -8.08
C GLU A 111 -11.26 -20.95 -6.90
N LEU A 112 -10.73 -19.73 -6.89
CA LEU A 112 -11.09 -18.73 -5.90
C LEU A 112 -11.35 -17.41 -6.61
N TRP A 113 -12.57 -16.89 -6.46
CA TRP A 113 -13.02 -15.69 -7.16
C TRP A 113 -13.34 -14.59 -6.19
N LEU A 114 -12.55 -13.52 -6.25
CA LEU A 114 -12.70 -12.41 -5.31
C LEU A 114 -12.80 -11.05 -6.01
N ARG A 115 -13.04 -11.04 -7.32
CA ARG A 115 -12.99 -9.78 -8.05
C ARG A 115 -14.09 -8.82 -7.63
N ASN A 116 -13.85 -7.54 -7.81
CA ASN A 116 -14.79 -6.47 -7.45
C ASN A 116 -15.17 -6.49 -5.97
N ASN A 117 -14.16 -6.44 -5.10
CA ASN A 117 -14.34 -6.21 -3.68
C ASN A 117 -13.43 -5.08 -3.24
N PRO A 118 -13.85 -4.31 -2.22
CA PRO A 118 -13.06 -3.18 -1.77
C PRO A 118 -11.86 -3.57 -0.92
N ILE A 119 -11.17 -4.65 -1.32
CA ILE A 119 -9.97 -5.11 -0.64
C ILE A 119 -8.86 -4.09 -0.84
N GLU A 120 -8.18 -3.74 0.24
CA GLU A 120 -7.14 -2.70 0.20
C GLU A 120 -5.73 -3.21 0.03
N SER A 121 -5.50 -4.48 0.36
CA SER A 121 -4.15 -5.03 0.40
C SER A 121 -4.16 -6.54 0.45
N ILE A 122 -3.18 -7.17 -0.23
CA ILE A 122 -3.00 -8.61 -0.14
C ILE A 122 -1.75 -8.91 0.67
N PRO A 123 -1.93 -9.40 1.91
CA PRO A 123 -0.81 -9.59 2.83
C PRO A 123 0.05 -10.80 2.49
N SER A 124 1.21 -10.91 3.13
CA SER A 124 2.09 -12.05 2.93
C SER A 124 1.41 -13.35 3.35
N TYR A 125 1.63 -14.42 2.57
CA TYR A 125 1.09 -15.76 2.83
C TYR A 125 -0.43 -15.79 2.91
N ALA A 126 -1.07 -14.97 2.07
CA ALA A 126 -2.53 -14.83 2.04
C ALA A 126 -3.24 -16.15 1.68
N PHE A 127 -2.56 -16.98 0.89
CA PHE A 127 -3.19 -18.19 0.37
C PHE A 127 -2.41 -19.46 0.69
N ASN A 128 -1.63 -19.47 1.77
CA ASN A 128 -0.89 -20.69 2.13
C ASN A 128 -1.76 -21.71 2.89
N ARG A 129 -3.05 -21.41 3.03
CA ARG A 129 -4.03 -22.40 3.46
C ARG A 129 -4.68 -23.10 2.25
N VAL A 130 -4.42 -22.60 1.04
CA VAL A 130 -5.07 -23.15 -0.17
C VAL A 130 -4.08 -23.25 -1.33
N PRO A 131 -3.03 -24.08 -1.15
CA PRO A 131 -1.97 -24.18 -2.16
C PRO A 131 -2.48 -24.81 -3.45
N SER A 132 -3.57 -25.57 -3.32
CA SER A 132 -4.22 -26.29 -4.41
C SER A 132 -4.83 -25.43 -5.52
N LEU A 133 -5.03 -24.14 -5.26
CA LEU A 133 -5.61 -23.23 -6.27
C LEU A 133 -4.97 -23.34 -7.66
N ARG A 134 -5.83 -23.43 -8.69
CA ARG A 134 -5.44 -23.38 -10.10
C ARG A 134 -5.81 -22.04 -10.74
N ARG A 135 -7.00 -21.53 -10.42
CA ARG A 135 -7.46 -20.22 -10.90
C ARG A 135 -7.66 -19.27 -9.75
N LEU A 136 -7.12 -18.06 -9.88
CA LEU A 136 -7.31 -17.00 -8.90
C LEU A 136 -7.79 -15.75 -9.62
N ASP A 137 -8.86 -15.16 -9.13
CA ASP A 137 -9.41 -13.95 -9.73
C ASP A 137 -9.42 -12.83 -8.71
N LEU A 138 -8.49 -11.90 -8.86
CA LEU A 138 -8.40 -10.76 -7.98
C LEU A 138 -8.55 -9.48 -8.78
N GLY A 139 -9.40 -9.53 -9.81
CA GLY A 139 -9.61 -8.38 -10.68
C GLY A 139 -10.49 -7.33 -10.04
N GLU A 140 -10.50 -6.14 -10.63
CA GLU A 140 -11.41 -5.06 -10.23
C GLU A 140 -11.32 -4.68 -8.75
N LEU A 141 -10.17 -4.93 -8.12
CA LEU A 141 -9.92 -4.49 -6.75
C LEU A 141 -9.40 -3.05 -6.83
N LYS A 142 -10.32 -2.13 -7.03
CA LYS A 142 -9.99 -0.75 -7.39
C LYS A 142 -9.53 0.12 -6.21
N ARG A 143 -9.63 -0.41 -5.00
CA ARG A 143 -9.12 0.27 -3.81
C ARG A 143 -7.86 -0.41 -3.27
N LEU A 144 -7.29 -1.33 -4.04
CA LEU A 144 -6.05 -2.00 -3.67
C LEU A 144 -4.90 -0.99 -3.68
N GLU A 145 -4.06 -1.04 -2.64
CA GLU A 145 -2.89 -0.18 -2.53
C GLU A 145 -1.58 -0.91 -2.22
N TYR A 146 -1.59 -2.24 -2.11
CA TYR A 146 -0.40 -2.97 -1.67
C TYR A 146 -0.53 -4.47 -1.87
N ILE A 147 0.51 -5.08 -2.42
CA ILE A 147 0.61 -6.53 -2.50
C ILE A 147 1.95 -6.91 -1.86
N SER A 148 1.93 -7.75 -0.83
CA SER A 148 3.15 -8.25 -0.24
C SER A 148 4.00 -9.00 -1.28
N GLU A 149 5.32 -9.00 -1.08
CA GLU A 149 6.21 -9.80 -1.92
C GLU A 149 5.87 -11.27 -1.77
N ALA A 150 5.48 -11.66 -0.55
CA ALA A 150 5.14 -13.04 -0.27
C ALA A 150 3.64 -13.33 -0.37
N ALA A 151 2.89 -12.50 -1.10
CA ALA A 151 1.44 -12.63 -1.12
C ALA A 151 1.00 -13.97 -1.73
N PHE A 152 1.64 -14.39 -2.80
CA PHE A 152 1.23 -15.60 -3.52
C PHE A 152 2.08 -16.84 -3.23
N GLU A 153 2.84 -16.79 -2.13
CA GLU A 153 3.70 -17.90 -1.75
C GLU A 153 2.85 -19.13 -1.45
N GLY A 154 3.29 -20.27 -1.98
CA GLY A 154 2.59 -21.53 -1.77
C GLY A 154 1.77 -22.01 -2.97
N LEU A 155 1.39 -21.08 -3.83
CA LEU A 155 0.55 -21.39 -5.00
C LEU A 155 1.39 -21.94 -6.16
N VAL A 156 1.99 -23.10 -5.94
CA VAL A 156 2.85 -23.75 -6.94
C VAL A 156 2.05 -24.42 -8.05
N ASN A 157 0.72 -24.42 -7.91
CA ASN A 157 -0.16 -25.02 -8.91
C ASN A 157 -1.04 -24.00 -9.65
N LEU A 158 -0.91 -22.73 -9.31
CA LEU A 158 -1.69 -21.68 -9.97
C LEU A 158 -1.38 -21.59 -11.45
N ARG A 159 -2.42 -21.52 -12.28
CA ARG A 159 -2.28 -21.44 -13.75
C ARG A 159 -2.91 -20.21 -14.38
N TYR A 160 -4.07 -19.79 -13.87
CA TYR A 160 -4.68 -18.53 -14.27
C TYR A 160 -4.72 -17.55 -13.10
N LEU A 161 -4.19 -16.35 -13.32
CA LEU A 161 -4.30 -15.26 -12.35
C LEU A 161 -4.86 -14.02 -13.07
N ASN A 162 -5.67 -13.26 -12.34
CA ASN A 162 -6.25 -12.03 -12.87
C ASN A 162 -6.06 -10.88 -11.91
N LEU A 163 -5.17 -9.96 -12.26
CA LEU A 163 -4.98 -8.72 -11.50
C LEU A 163 -5.40 -7.53 -12.36
N GLY A 164 -6.40 -7.75 -13.21
CA GLY A 164 -6.88 -6.71 -14.11
C GLY A 164 -7.72 -5.68 -13.38
N MET A 165 -7.69 -4.45 -13.88
CA MET A 165 -8.48 -3.35 -13.32
C MET A 165 -8.23 -3.05 -11.84
N CYS A 166 -7.00 -3.30 -11.37
CA CYS A 166 -6.55 -2.88 -10.05
C CYS A 166 -5.52 -1.80 -10.30
N ASN A 167 -5.67 -0.65 -9.66
CA ASN A 167 -4.78 0.46 -9.90
C ASN A 167 -3.34 0.09 -9.52
N LEU A 168 -2.61 -0.46 -10.49
CA LEU A 168 -1.28 -0.99 -10.23
C LEU A 168 -0.22 -0.18 -10.95
N LYS A 169 0.49 0.64 -10.19
CA LYS A 169 1.64 1.34 -10.72
C LYS A 169 2.78 0.38 -11.04
N ASP A 170 2.86 -0.77 -10.36
CA ASP A 170 3.96 -1.71 -10.53
C ASP A 170 3.49 -3.14 -10.59
N ILE A 171 4.21 -3.98 -11.33
CA ILE A 171 3.91 -5.40 -11.34
C ILE A 171 4.43 -6.00 -10.06
N PRO A 172 3.63 -6.84 -9.39
CA PRO A 172 4.05 -7.42 -8.12
C PRO A 172 4.95 -8.62 -8.28
N ASN A 173 5.47 -9.12 -7.16
CA ASN A 173 6.32 -10.30 -7.17
C ASN A 173 5.49 -11.56 -7.43
N LEU A 174 5.84 -12.26 -8.51
CA LEU A 174 5.12 -13.47 -8.93
C LEU A 174 6.09 -14.63 -9.10
N THR A 175 7.22 -14.58 -8.42
CA THR A 175 8.22 -15.65 -8.48
C THR A 175 7.69 -16.93 -7.83
N ALA A 176 6.70 -16.80 -6.95
CA ALA A 176 6.06 -17.96 -6.35
C ALA A 176 5.22 -18.74 -7.37
N LEU A 177 4.61 -18.04 -8.32
CA LEU A 177 3.69 -18.66 -9.29
C LEU A 177 4.45 -19.35 -10.41
N VAL A 178 5.10 -20.45 -10.05
CA VAL A 178 6.02 -21.16 -10.95
C VAL A 178 5.35 -21.79 -12.17
N ARG A 179 4.13 -22.28 -11.99
CA ARG A 179 3.38 -22.96 -13.06
C ARG A 179 2.35 -22.08 -13.78
N LEU A 180 2.39 -20.78 -13.55
CA LEU A 180 1.39 -19.87 -14.13
C LEU A 180 1.45 -19.88 -15.65
N GLU A 181 0.26 -19.79 -16.27
CA GLU A 181 0.12 -19.87 -17.74
C GLU A 181 -0.54 -18.63 -18.33
N GLU A 182 -1.60 -18.13 -17.69
CA GLU A 182 -2.25 -16.89 -18.11
C GLU A 182 -2.16 -15.83 -17.02
N LEU A 183 -1.78 -14.62 -17.39
CA LEU A 183 -1.75 -13.48 -16.49
C LEU A 183 -2.49 -12.30 -17.12
N GLU A 184 -3.53 -11.80 -16.45
CA GLU A 184 -4.27 -10.64 -16.92
C GLU A 184 -3.91 -9.43 -16.08
N LEU A 185 -3.29 -8.43 -16.70
CA LEU A 185 -2.87 -7.20 -16.01
C LEU A 185 -3.45 -5.94 -16.63
N SER A 186 -4.55 -6.08 -17.38
CA SER A 186 -5.18 -4.95 -18.09
C SER A 186 -5.83 -3.98 -17.13
N GLY A 187 -5.93 -2.72 -17.55
CA GLY A 187 -6.61 -1.70 -16.75
C GLY A 187 -5.82 -1.24 -15.54
N ASN A 188 -4.49 -1.24 -15.68
CA ASN A 188 -3.62 -0.79 -14.59
C ASN A 188 -2.88 0.49 -14.97
N ARG A 189 -2.16 1.06 -14.01
CA ARG A 189 -1.38 2.27 -14.23
C ARG A 189 0.09 1.89 -14.47
N LEU A 190 0.31 0.76 -15.14
CA LEU A 190 1.65 0.25 -15.39
C LEU A 190 2.33 1.17 -16.38
N ASP A 191 3.04 2.16 -15.88
CA ASP A 191 3.60 3.19 -16.72
C ASP A 191 4.87 2.68 -17.41
N LEU A 192 5.88 2.34 -16.60
CA LEU A 192 7.16 1.85 -17.09
C LEU A 192 7.27 0.36 -16.77
N ILE A 193 7.75 -0.43 -17.72
CA ILE A 193 8.02 -1.84 -17.46
C ILE A 193 9.53 -2.10 -17.43
N ARG A 194 10.05 -2.30 -16.23
CA ARG A 194 11.46 -2.59 -16.03
C ARG A 194 11.78 -4.04 -16.39
N PRO A 195 13.05 -4.32 -16.74
CA PRO A 195 13.53 -5.64 -17.16
C PRO A 195 13.02 -6.84 -16.34
N GLY A 196 13.07 -6.75 -15.01
CA GLY A 196 12.71 -7.87 -14.16
C GLY A 196 11.25 -7.92 -13.72
N SER A 197 10.36 -7.36 -14.53
CA SER A 197 8.94 -7.26 -14.16
C SER A 197 8.23 -8.61 -14.10
N PHE A 198 8.67 -9.55 -14.95
CA PHE A 198 8.04 -10.87 -14.99
C PHE A 198 9.04 -11.94 -14.66
N GLN A 199 9.77 -11.74 -13.57
CA GLN A 199 10.82 -12.68 -13.18
C GLN A 199 10.25 -14.03 -12.77
N GLY A 200 10.86 -15.10 -13.27
CA GLY A 200 10.46 -16.46 -12.94
C GLY A 200 9.05 -16.85 -13.36
N LEU A 201 8.57 -16.25 -14.46
CA LEU A 201 7.31 -16.66 -15.07
C LEU A 201 7.60 -17.45 -16.33
N THR A 202 8.50 -18.42 -16.25
CA THR A 202 8.97 -19.14 -17.43
C THR A 202 7.87 -19.98 -18.08
N SER A 203 6.84 -20.32 -17.31
CA SER A 203 5.74 -21.14 -17.81
C SER A 203 4.62 -20.35 -18.50
N LEU A 204 4.65 -19.03 -18.37
CA LEU A 204 3.57 -18.17 -18.86
C LEU A 204 3.40 -18.23 -20.38
N ARG A 205 2.15 -18.41 -20.81
CA ARG A 205 1.80 -18.59 -22.23
C ARG A 205 1.07 -17.38 -22.79
N LYS A 206 0.06 -16.87 -22.08
CA LYS A 206 -0.67 -15.67 -22.49
C LYS A 206 -0.49 -14.55 -21.47
N LEU A 207 -0.17 -13.34 -21.93
CA LEU A 207 -0.06 -12.17 -21.07
C LEU A 207 -0.90 -11.06 -21.69
N TRP A 208 -1.65 -10.35 -20.85
CA TRP A 208 -2.54 -9.29 -21.31
C TRP A 208 -2.29 -8.00 -20.59
N LEU A 209 -1.96 -6.95 -21.35
CA LEU A 209 -1.67 -5.62 -20.80
C LEU A 209 -2.48 -4.53 -21.52
N MET A 210 -3.75 -4.80 -21.75
CA MET A 210 -4.63 -3.90 -22.49
C MET A 210 -5.04 -2.73 -21.59
N HIS A 211 -5.13 -1.52 -22.16
CA HIS A 211 -5.50 -0.32 -21.38
C HIS A 211 -4.70 -0.24 -20.09
N ALA A 212 -3.39 -0.38 -20.19
CA ALA A 212 -2.52 -0.41 -19.01
C ALA A 212 -1.68 0.86 -18.87
N GLN A 213 -1.98 1.87 -19.69
CA GLN A 213 -1.22 3.11 -19.74
C GLN A 213 0.30 2.88 -19.83
N VAL A 214 0.69 1.89 -20.62
CA VAL A 214 2.11 1.56 -20.77
C VAL A 214 2.75 2.51 -21.78
N ALA A 215 3.70 3.31 -21.30
CA ALA A 215 4.43 4.25 -22.15
C ALA A 215 5.75 3.63 -22.58
N THR A 216 6.51 3.15 -21.59
CA THR A 216 7.87 2.66 -21.81
C THR A 216 8.03 1.19 -21.47
N ILE A 217 8.58 0.43 -22.40
CA ILE A 217 9.06 -0.91 -22.11
C ILE A 217 10.57 -0.92 -22.34
N GLU A 218 11.33 -1.08 -21.25
CA GLU A 218 12.78 -1.06 -21.32
C GLU A 218 13.26 -2.38 -21.91
N ARG A 219 14.50 -2.37 -22.41
CA ARG A 219 15.11 -3.56 -23.01
C ARG A 219 15.02 -4.77 -22.10
N ASN A 220 14.94 -5.96 -22.70
CA ASN A 220 14.99 -7.21 -21.96
C ASN A 220 13.81 -7.43 -21.00
N ALA A 221 12.76 -6.63 -21.12
CA ALA A 221 11.66 -6.67 -20.15
C ALA A 221 10.90 -8.01 -20.18
N PHE A 222 10.98 -8.73 -21.29
CA PHE A 222 10.26 -9.99 -21.43
C PHE A 222 11.14 -11.24 -21.53
N ASP A 223 12.45 -11.10 -21.30
CA ASP A 223 13.40 -12.23 -21.38
C ASP A 223 12.95 -13.50 -20.65
N ASP A 224 12.28 -13.32 -19.51
CA ASP A 224 11.86 -14.45 -18.66
C ASP A 224 10.70 -15.24 -19.25
N LEU A 225 9.88 -14.58 -20.06
CA LEU A 225 8.67 -15.21 -20.58
C LEU A 225 9.01 -16.11 -21.77
N LYS A 226 9.69 -17.21 -21.49
CA LYS A 226 10.20 -18.09 -22.53
C LYS A 226 9.14 -18.99 -23.17
N SER A 227 8.01 -19.15 -22.50
CA SER A 227 6.90 -19.95 -23.01
C SER A 227 5.83 -19.09 -23.69
N LEU A 228 6.02 -17.78 -23.72
CA LEU A 228 4.97 -16.87 -24.17
C LEU A 228 4.54 -17.15 -25.61
N GLU A 229 3.21 -17.19 -25.79
CA GLU A 229 2.56 -17.44 -27.09
C GLU A 229 1.74 -16.24 -27.56
N GLU A 230 1.05 -15.60 -26.63
CA GLU A 230 0.21 -14.43 -26.94
C GLU A 230 0.59 -13.25 -26.06
N LEU A 231 0.62 -12.07 -26.65
CA LEU A 231 0.81 -10.82 -25.91
C LEU A 231 -0.16 -9.77 -26.43
N ASN A 232 -0.69 -8.95 -25.52
CA ASN A 232 -1.60 -7.88 -25.86
C ASN A 232 -1.16 -6.56 -25.23
N LEU A 233 -0.52 -5.71 -26.04
CA LEU A 233 -0.10 -4.36 -25.62
C LEU A 233 -1.00 -3.31 -26.27
N SER A 234 -2.21 -3.72 -26.63
CA SER A 234 -3.20 -2.84 -27.28
C SER A 234 -3.67 -1.75 -26.34
N HIS A 235 -4.09 -0.62 -26.92
CA HIS A 235 -4.60 0.52 -26.17
C HIS A 235 -3.67 0.88 -25.04
N ASN A 236 -2.46 1.27 -25.41
CA ASN A 236 -1.47 1.76 -24.46
C ASN A 236 -0.88 3.02 -25.06
N ASN A 237 0.21 3.55 -24.48
CA ASN A 237 0.86 4.75 -24.99
C ASN A 237 2.25 4.48 -25.54
N LEU A 238 2.44 3.33 -26.19
CA LEU A 238 3.75 2.97 -26.73
C LEU A 238 4.06 3.75 -27.99
N MET A 239 5.23 4.38 -28.02
CA MET A 239 5.74 5.03 -29.24
C MET A 239 6.70 4.11 -29.98
N SER A 240 7.39 3.24 -29.26
CA SER A 240 8.28 2.25 -29.86
C SER A 240 8.54 1.12 -28.88
N LEU A 241 9.19 0.07 -29.39
CA LEU A 241 9.63 -1.05 -28.56
C LEU A 241 11.14 -1.22 -28.69
N PRO A 242 11.82 -1.61 -27.61
CA PRO A 242 13.28 -1.71 -27.63
C PRO A 242 13.75 -2.91 -28.45
N HIS A 243 15.02 -2.88 -28.85
CA HIS A 243 15.56 -3.92 -29.72
C HIS A 243 15.46 -5.27 -29.06
N ASP A 244 15.24 -6.30 -29.89
CA ASP A 244 15.29 -7.70 -29.44
C ASP A 244 14.36 -7.99 -28.27
N LEU A 245 13.28 -7.23 -28.17
CA LEU A 245 12.32 -7.47 -27.10
C LEU A 245 11.68 -8.83 -27.24
N PHE A 246 11.61 -9.35 -28.47
CA PHE A 246 10.98 -10.65 -28.76
C PHE A 246 11.94 -11.73 -29.24
N THR A 247 13.22 -11.41 -29.44
CA THR A 247 14.18 -12.42 -29.92
C THR A 247 14.22 -13.68 -29.05
N PRO A 248 14.19 -13.53 -27.71
CA PRO A 248 14.18 -14.72 -26.84
C PRO A 248 12.87 -15.48 -26.83
N LEU A 249 11.78 -14.80 -27.18
CA LEU A 249 10.45 -15.36 -27.05
C LEU A 249 10.10 -16.16 -28.30
N HIS A 250 10.66 -17.38 -28.39
CA HIS A 250 10.64 -18.17 -29.61
C HIS A 250 9.26 -18.62 -30.04
N ARG A 251 8.36 -18.79 -29.06
CA ARG A 251 7.04 -19.37 -29.30
C ARG A 251 5.94 -18.30 -29.47
N LEU A 252 6.29 -17.04 -29.19
CA LEU A 252 5.39 -15.90 -29.37
C LEU A 252 4.89 -15.82 -30.81
N GLU A 253 3.62 -16.11 -31.03
CA GLU A 253 3.01 -16.10 -32.36
C GLU A 253 1.87 -15.07 -32.54
N ARG A 254 1.20 -14.68 -31.45
CA ARG A 254 0.17 -13.64 -31.52
C ARG A 254 0.57 -12.41 -30.70
N VAL A 255 0.62 -11.26 -31.36
CA VAL A 255 0.93 -9.99 -30.70
C VAL A 255 -0.07 -8.92 -31.15
N HIS A 256 -0.77 -8.31 -30.20
CA HIS A 256 -1.63 -7.16 -30.48
C HIS A 256 -0.92 -5.89 -30.14
N LEU A 257 -0.77 -5.02 -31.14
CA LEU A 257 -0.05 -3.76 -30.99
C LEU A 257 -0.89 -2.52 -31.30
N ASN A 258 -2.15 -2.73 -31.71
CA ASN A 258 -2.99 -1.65 -32.19
C ASN A 258 -3.41 -0.65 -31.11
N HIS A 259 -3.80 0.55 -31.54
CA HIS A 259 -4.20 1.65 -30.66
C HIS A 259 -3.09 2.09 -29.76
N ASN A 260 -2.00 2.47 -30.40
CA ASN A 260 -0.80 3.00 -29.76
C ASN A 260 -0.23 4.08 -30.67
N PRO A 261 0.25 5.19 -30.07
CA PRO A 261 0.82 6.28 -30.87
C PRO A 261 2.20 5.94 -31.44
N TRP A 262 2.28 4.90 -32.25
CA TRP A 262 3.56 4.39 -32.73
C TRP A 262 4.27 5.42 -33.54
N HIS A 263 5.53 5.69 -33.19
CA HIS A 263 6.38 6.57 -33.96
C HIS A 263 7.23 5.72 -34.86
N CYS A 264 7.02 5.84 -36.17
CA CYS A 264 7.68 4.97 -37.13
C CYS A 264 8.99 5.55 -37.66
N ASN A 265 10.06 5.33 -36.90
CA ASN A 265 11.42 5.67 -37.31
C ASN A 265 12.27 4.40 -37.29
N CYS A 266 13.59 4.53 -37.42
CA CYS A 266 14.44 3.35 -37.50
C CYS A 266 14.61 2.62 -36.16
N ASP A 267 14.19 3.25 -35.06
CA ASP A 267 14.13 2.55 -33.76
C ASP A 267 13.16 1.36 -33.82
N VAL A 268 12.20 1.41 -34.74
CA VAL A 268 11.20 0.34 -34.88
C VAL A 268 11.39 -0.50 -36.16
N LEU A 269 12.56 -0.39 -36.79
CA LEU A 269 12.86 -1.16 -38.00
C LEU A 269 12.83 -2.65 -37.71
N TRP A 270 13.43 -3.05 -36.60
CA TRP A 270 13.51 -4.46 -36.21
C TRP A 270 12.16 -5.10 -36.07
N LEU A 271 11.20 -4.33 -35.54
CA LEU A 271 9.86 -4.82 -35.26
C LEU A 271 9.13 -5.15 -36.54
N SER A 272 9.31 -4.31 -37.56
CA SER A 272 8.68 -4.55 -38.85
C SER A 272 9.16 -5.86 -39.44
N TRP A 273 10.46 -6.15 -39.29
CA TRP A 273 11.02 -7.41 -39.77
C TRP A 273 10.57 -8.58 -38.94
N TRP A 274 10.44 -8.38 -37.63
CA TRP A 274 9.90 -9.42 -36.77
C TRP A 274 8.48 -9.75 -37.16
N LEU A 275 7.70 -8.73 -37.48
CA LEU A 275 6.32 -8.91 -37.97
C LEU A 275 6.28 -9.72 -39.27
N LYS A 276 7.19 -9.42 -40.18
CA LYS A 276 7.27 -10.10 -41.46
C LYS A 276 7.64 -11.56 -41.28
N GLU A 277 8.59 -11.84 -40.39
CA GLU A 277 9.03 -13.22 -40.17
C GLU A 277 8.03 -14.02 -39.34
N THR A 278 7.48 -13.43 -38.29
CA THR A 278 6.60 -14.13 -37.35
C THR A 278 5.16 -14.28 -37.84
N VAL A 279 4.62 -13.22 -38.41
CA VAL A 279 3.25 -13.23 -38.97
C VAL A 279 3.29 -12.74 -40.42
N PRO A 280 3.75 -13.60 -41.36
CA PRO A 280 4.01 -13.17 -42.75
C PRO A 280 2.75 -12.88 -43.57
N SER A 281 1.63 -13.50 -43.21
CA SER A 281 0.36 -13.29 -43.91
C SER A 281 -0.23 -11.88 -43.72
N ASN A 282 0.18 -11.19 -42.67
CA ASN A 282 -0.21 -9.80 -42.48
C ASN A 282 0.66 -8.88 -43.33
N THR A 283 0.10 -8.41 -44.45
CA THR A 283 0.82 -7.53 -45.38
C THR A 283 0.68 -6.06 -44.99
N THR A 284 -0.54 -5.62 -44.66
CA THR A 284 -0.79 -4.21 -44.30
C THR A 284 -1.86 -4.05 -43.21
N CYS A 285 -1.77 -4.84 -42.14
CA CYS A 285 -2.74 -4.74 -41.04
C CYS A 285 -2.22 -5.38 -39.76
N CYS A 286 -2.55 -4.84 -38.57
CA CYS A 286 -3.42 -3.66 -38.37
C CYS A 286 -2.87 -2.72 -37.28
N ALA A 287 -1.54 -2.67 -37.16
CA ALA A 287 -0.88 -1.80 -36.19
C ALA A 287 -0.32 -0.59 -36.90
N ARG A 288 -0.97 0.57 -36.73
CA ARG A 288 -0.71 1.76 -37.56
C ARG A 288 0.25 2.78 -36.93
N CYS A 289 1.05 3.44 -37.79
CA CYS A 289 1.92 4.52 -37.35
C CYS A 289 1.13 5.81 -37.19
N HIS A 290 1.30 6.49 -36.07
CA HIS A 290 0.71 7.83 -35.90
C HIS A 290 1.65 8.87 -36.43
N ALA A 291 2.92 8.76 -36.06
CA ALA A 291 3.95 9.69 -36.51
C ALA A 291 5.03 8.96 -37.31
N PRO A 292 5.66 9.65 -38.27
CA PRO A 292 5.34 11.00 -38.77
C PRO A 292 4.26 10.99 -39.86
N ALA A 293 3.87 12.17 -40.33
CA ALA A 293 2.99 12.28 -41.47
C ALA A 293 3.78 11.81 -42.68
N GLY A 294 3.12 11.10 -43.58
CA GLY A 294 3.80 10.46 -44.71
C GLY A 294 4.01 8.98 -44.45
N LEU A 295 4.16 8.63 -43.17
CA LEU A 295 4.08 7.25 -42.69
C LEU A 295 2.79 6.98 -41.91
N LYS A 296 2.00 8.02 -41.63
CA LYS A 296 0.78 7.87 -40.85
C LYS A 296 -0.16 6.86 -41.50
N GLY A 297 -0.84 6.08 -40.66
CA GLY A 297 -1.84 5.12 -41.14
C GLY A 297 -1.28 3.82 -41.67
N ARG A 298 0.04 3.77 -41.90
CA ARG A 298 0.66 2.60 -42.49
C ARG A 298 0.92 1.53 -41.43
N TYR A 299 0.85 0.28 -41.86
CA TYR A 299 1.13 -0.88 -41.02
C TYR A 299 2.62 -0.96 -40.74
N ILE A 300 3.00 -1.02 -39.46
CA ILE A 300 4.43 -1.04 -39.09
C ILE A 300 5.21 -2.08 -39.89
N GLY A 301 4.61 -3.25 -40.06
CA GLY A 301 5.28 -4.37 -40.72
C GLY A 301 5.39 -4.29 -42.23
N GLU A 302 4.86 -3.24 -42.86
CA GLU A 302 5.08 -3.02 -44.30
C GLU A 302 6.24 -2.07 -44.55
N LEU A 303 6.78 -1.46 -43.50
CA LEU A 303 7.89 -0.52 -43.64
C LEU A 303 9.22 -1.25 -43.84
N ASP A 304 10.22 -0.52 -44.35
CA ASP A 304 11.59 -1.02 -44.44
C ASP A 304 12.61 0.14 -44.50
N GLN A 305 13.85 -0.19 -44.83
CA GLN A 305 15.00 0.72 -44.70
C GLN A 305 14.91 2.01 -45.53
N SER A 306 14.11 1.99 -46.59
CA SER A 306 13.96 3.15 -47.46
C SER A 306 13.08 4.24 -46.86
N HIS A 307 12.30 3.88 -45.84
CA HIS A 307 11.30 4.79 -45.27
C HIS A 307 11.86 5.72 -44.22
N PHE A 308 13.06 5.44 -43.73
CA PHE A 308 13.68 6.29 -42.72
C PHE A 308 15.19 6.12 -42.68
N THR A 309 15.88 7.15 -42.20
CA THR A 309 17.33 7.09 -42.09
C THR A 309 17.72 6.37 -40.80
N CYS A 310 18.84 5.65 -40.84
CA CYS A 310 19.25 4.79 -39.74
C CYS A 310 20.72 4.98 -39.41
N TYR A 311 21.06 4.95 -38.12
CA TYR A 311 22.44 5.08 -37.66
C TYR A 311 22.80 3.92 -36.74
N ALA A 312 23.95 4.02 -36.09
CA ALA A 312 24.32 3.10 -35.01
C ALA A 312 24.36 3.83 -33.65
N GLY A 313 23.56 4.88 -33.51
CA GLY A 313 23.49 5.63 -32.26
C GLY A 313 22.62 6.87 -32.38
N THR B 2 -20.13 4.14 47.64
CA THR B 2 -20.18 3.92 46.17
C THR B 2 -20.36 5.25 45.42
N GLY B 3 -20.30 5.19 44.09
CA GLY B 3 -20.37 6.40 43.25
C GLY B 3 -18.98 6.96 43.00
N THR B 4 -18.31 7.36 44.09
CA THR B 4 -16.88 7.75 44.06
C THR B 4 -16.00 6.58 44.52
N SER B 5 -16.43 5.35 44.22
CA SER B 5 -15.80 4.13 44.73
C SER B 5 -14.50 3.85 44.01
N CYS B 6 -13.56 3.25 44.73
CA CYS B 6 -12.27 2.92 44.17
C CYS B 6 -12.20 1.43 43.84
N PRO B 7 -11.65 1.06 42.66
CA PRO B 7 -11.44 -0.36 42.38
C PRO B 7 -10.43 -0.96 43.35
N ALA B 8 -10.63 -2.24 43.69
CA ALA B 8 -9.73 -2.93 44.62
C ALA B 8 -8.25 -2.73 44.26
N ALA B 9 -7.92 -2.86 42.97
CA ALA B 9 -6.53 -2.86 42.51
C ALA B 9 -5.97 -1.48 42.16
N CYS B 10 -6.77 -0.42 42.30
CA CYS B 10 -6.33 0.93 41.92
C CYS B 10 -6.16 1.85 43.13
N SER B 11 -5.36 2.89 42.94
CA SER B 11 -5.18 3.95 43.92
C SER B 11 -5.92 5.19 43.42
N CYS B 12 -6.95 5.61 44.14
CA CYS B 12 -7.82 6.70 43.69
C CYS B 12 -7.57 7.95 44.53
N SER B 13 -7.02 8.98 43.89
CA SER B 13 -6.66 10.23 44.58
C SER B 13 -7.66 11.33 44.24
N ASN B 14 -7.41 12.52 44.79
CA ASN B 14 -8.00 13.80 44.33
C ASN B 14 -9.49 13.80 43.91
N GLN B 15 -10.39 13.60 44.88
CA GLN B 15 -11.84 13.60 44.65
C GLN B 15 -12.32 12.50 43.68
N ALA B 16 -11.57 11.39 43.64
CA ALA B 16 -11.83 10.32 42.69
C ALA B 16 -11.69 10.79 41.24
N SER B 17 -10.71 11.66 40.98
CA SER B 17 -10.45 12.19 39.64
C SER B 17 -9.17 11.63 39.02
N ARG B 18 -8.21 11.27 39.87
CA ARG B 18 -6.91 10.75 39.44
C ARG B 18 -6.75 9.31 39.91
N VAL B 19 -6.89 8.36 38.98
CA VAL B 19 -6.89 6.93 39.31
C VAL B 19 -5.72 6.20 38.64
N ILE B 20 -4.82 5.64 39.46
CA ILE B 20 -3.69 4.86 38.97
C ILE B 20 -3.91 3.39 39.30
N CYS B 21 -3.61 2.53 38.34
CA CYS B 21 -3.71 1.08 38.52
C CYS B 21 -2.48 0.39 37.91
N THR B 22 -1.31 0.99 38.10
CA THR B 22 -0.08 0.52 37.47
C THR B 22 0.67 -0.52 38.30
N ARG B 23 1.65 -1.16 37.67
CA ARG B 23 2.49 -2.16 38.32
C ARG B 23 1.68 -3.29 38.95
N ARG B 24 0.44 -3.44 38.50
CA ARG B 24 -0.41 -4.52 38.99
C ARG B 24 -0.34 -5.64 37.96
N GLU B 25 -0.91 -6.79 38.32
CA GLU B 25 -0.90 -7.96 37.44
C GLU B 25 -2.25 -8.09 36.72
N LEU B 26 -2.77 -6.97 36.21
CA LEU B 26 -4.12 -6.95 35.64
C LEU B 26 -4.15 -7.60 34.26
N ALA B 27 -5.04 -8.56 34.09
CA ALA B 27 -5.31 -9.16 32.79
C ALA B 27 -6.41 -8.39 32.06
N GLU B 28 -7.38 -7.85 32.82
CA GLU B 28 -8.48 -7.08 32.23
C GLU B 28 -8.71 -5.77 32.97
N VAL B 29 -9.38 -4.84 32.30
CA VAL B 29 -9.75 -3.54 32.90
C VAL B 29 -10.75 -3.76 34.05
N PRO B 30 -10.45 -3.21 35.25
CA PRO B 30 -11.31 -3.44 36.39
C PRO B 30 -12.62 -2.66 36.31
N ALA B 31 -13.60 -3.07 37.11
CA ALA B 31 -14.92 -2.43 37.13
C ALA B 31 -15.02 -1.40 38.26
N SER B 32 -16.04 -0.55 38.17
CA SER B 32 -16.36 0.46 39.18
C SER B 32 -15.33 1.58 39.29
N ILE B 33 -14.69 1.91 38.17
CA ILE B 33 -13.82 3.08 38.10
C ILE B 33 -14.72 4.30 38.31
N PRO B 34 -14.38 5.15 39.29
CA PRO B 34 -15.31 6.20 39.70
C PRO B 34 -15.60 7.20 38.59
N VAL B 35 -16.86 7.63 38.50
CA VAL B 35 -17.35 8.46 37.39
C VAL B 35 -16.60 9.79 37.30
N ASN B 36 -16.16 10.28 38.45
CA ASN B 36 -15.44 11.55 38.51
C ASN B 36 -14.02 11.51 37.93
N THR B 37 -13.55 10.33 37.50
CA THR B 37 -12.18 10.17 36.96
C THR B 37 -11.95 10.98 35.69
N ARG B 38 -10.95 11.85 35.76
CA ARG B 38 -10.47 12.65 34.63
C ARG B 38 -9.10 12.19 34.17
N TYR B 39 -8.50 11.27 34.92
CA TYR B 39 -7.19 10.71 34.59
C TYR B 39 -7.18 9.23 34.94
N LEU B 40 -6.91 8.37 33.96
CA LEU B 40 -6.85 6.93 34.19
C LEU B 40 -5.54 6.36 33.65
N ASN B 41 -4.75 5.76 34.53
CA ASN B 41 -3.47 5.19 34.16
C ASN B 41 -3.45 3.70 34.44
N LEU B 42 -3.63 2.91 33.38
CA LEU B 42 -3.60 1.44 33.49
C LEU B 42 -2.28 0.88 32.96
N GLN B 43 -1.21 1.68 33.02
CA GLN B 43 0.06 1.28 32.42
C GLN B 43 0.78 0.19 33.21
N GLU B 44 1.56 -0.61 32.48
CA GLU B 44 2.31 -1.75 33.04
C GLU B 44 1.38 -2.78 33.64
N ASN B 45 0.55 -3.35 32.76
CA ASN B 45 -0.33 -4.46 33.09
C ASN B 45 -0.37 -5.41 31.91
N SER B 46 -1.07 -6.53 32.07
CA SER B 46 -1.17 -7.55 31.03
C SER B 46 -2.55 -7.56 30.37
N ILE B 47 -3.06 -6.36 30.09
CA ILE B 47 -4.35 -6.21 29.42
C ILE B 47 -4.19 -6.55 27.94
N GLN B 48 -5.07 -7.42 27.46
CA GLN B 48 -4.98 -7.92 26.09
C GLN B 48 -6.13 -7.47 25.20
N VAL B 49 -7.33 -7.36 25.76
CA VAL B 49 -8.53 -7.00 25.00
C VAL B 49 -9.32 -5.89 25.67
N ILE B 50 -9.73 -4.88 24.88
CA ILE B 50 -10.63 -3.83 25.35
C ILE B 50 -11.98 -4.02 24.69
N ARG B 51 -13.05 -3.97 25.46
CA ARG B 51 -14.36 -4.32 24.92
C ARG B 51 -15.33 -3.15 24.81
N THR B 52 -16.35 -3.34 23.99
CA THR B 52 -17.38 -2.34 23.74
C THR B 52 -17.92 -1.81 25.07
N ASP B 53 -17.94 -0.49 25.20
CA ASP B 53 -18.50 0.19 26.38
C ASP B 53 -17.75 -0.11 27.70
N THR B 54 -16.46 -0.44 27.61
CA THR B 54 -15.67 -0.69 28.82
C THR B 54 -15.59 0.58 29.70
N PHE B 55 -15.63 1.76 29.07
CA PHE B 55 -15.55 3.01 29.82
C PHE B 55 -16.77 3.91 29.64
N LYS B 56 -17.91 3.32 29.27
CA LYS B 56 -19.10 4.10 28.93
C LYS B 56 -19.49 5.10 30.02
N HIS B 57 -19.33 4.69 31.28
CA HIS B 57 -19.79 5.48 32.43
C HIS B 57 -18.95 6.69 32.80
N LEU B 58 -17.80 6.87 32.17
CA LEU B 58 -16.85 7.91 32.58
C LEU B 58 -16.98 9.17 31.73
N ARG B 59 -17.95 10.00 32.10
CA ARG B 59 -18.25 11.26 31.43
C ARG B 59 -17.03 12.19 31.33
N HIS B 60 -16.24 12.22 32.40
CA HIS B 60 -15.24 13.26 32.58
C HIS B 60 -13.82 12.86 32.26
N LEU B 61 -13.61 11.62 31.80
CA LEU B 61 -12.24 11.17 31.48
C LEU B 61 -11.61 12.05 30.41
N GLU B 62 -10.47 12.65 30.74
CA GLU B 62 -9.71 13.50 29.82
C GLU B 62 -8.45 12.81 29.30
N ILE B 63 -7.77 12.05 30.15
CA ILE B 63 -6.54 11.33 29.78
C ILE B 63 -6.65 9.85 30.11
N LEU B 64 -6.46 9.00 29.11
CA LEU B 64 -6.53 7.54 29.24
C LEU B 64 -5.20 6.92 28.83
N GLN B 65 -4.48 6.36 29.80
CA GLN B 65 -3.20 5.71 29.51
C GLN B 65 -3.33 4.19 29.57
N LEU B 66 -3.37 3.56 28.40
CA LEU B 66 -3.45 2.10 28.30
C LEU B 66 -2.15 1.54 27.73
N SER B 67 -1.07 2.30 27.86
CA SER B 67 0.22 1.94 27.31
C SER B 67 0.92 0.88 28.17
N LYS B 68 2.01 0.33 27.64
CA LYS B 68 2.79 -0.70 28.32
C LYS B 68 1.88 -1.84 28.79
N ASN B 69 1.20 -2.44 27.82
CA ASN B 69 0.28 -3.55 28.04
C ASN B 69 0.48 -4.63 26.99
N LEU B 70 -0.41 -5.61 26.94
CA LEU B 70 -0.35 -6.65 25.91
C LEU B 70 -1.54 -6.57 24.94
N VAL B 71 -2.05 -5.35 24.75
CA VAL B 71 -3.28 -5.14 24.00
C VAL B 71 -3.13 -5.59 22.54
N ARG B 72 -3.93 -6.58 22.15
CA ARG B 72 -3.98 -7.03 20.76
C ARG B 72 -5.31 -6.71 20.06
N LYS B 73 -6.37 -6.51 20.83
CA LYS B 73 -7.72 -6.36 20.29
C LYS B 73 -8.48 -5.21 20.95
N ILE B 74 -8.97 -4.30 20.11
CA ILE B 74 -9.80 -3.20 20.57
C ILE B 74 -11.12 -3.22 19.82
N GLU B 75 -12.18 -3.71 20.47
CA GLU B 75 -13.49 -3.91 19.83
C GLU B 75 -14.15 -2.59 19.40
N VAL B 76 -15.13 -2.69 18.51
CA VAL B 76 -15.91 -1.54 18.05
C VAL B 76 -16.56 -0.87 19.26
N GLY B 77 -16.47 0.46 19.31
CA GLY B 77 -17.10 1.22 20.39
C GLY B 77 -16.50 0.96 21.76
N ALA B 78 -15.22 0.62 21.80
CA ALA B 78 -14.50 0.41 23.05
C ALA B 78 -14.44 1.71 23.85
N PHE B 79 -14.28 2.82 23.13
CA PHE B 79 -14.17 4.15 23.73
C PHE B 79 -15.48 4.95 23.68
N ASN B 80 -16.60 4.26 23.55
CA ASN B 80 -17.90 4.94 23.63
C ASN B 80 -18.07 5.57 25.00
N GLY B 81 -18.77 6.71 25.04
CA GLY B 81 -19.12 7.40 26.29
C GLY B 81 -18.01 8.24 26.89
N LEU B 82 -17.15 8.81 26.04
CA LEU B 82 -15.97 9.57 26.49
C LEU B 82 -15.86 10.90 25.76
N PRO B 83 -16.88 11.77 25.90
CA PRO B 83 -16.93 13.06 25.19
C PRO B 83 -15.96 14.10 25.75
N SER B 84 -15.38 13.82 26.91
CA SER B 84 -14.42 14.71 27.55
C SER B 84 -12.98 14.30 27.24
N LEU B 85 -12.82 13.14 26.61
CA LEU B 85 -11.49 12.55 26.40
C LEU B 85 -10.62 13.37 25.46
N ASN B 86 -9.43 13.73 25.95
CA ASN B 86 -8.47 14.53 25.21
C ASN B 86 -7.32 13.68 24.68
N THR B 87 -6.59 13.03 25.58
CA THR B 87 -5.44 12.21 25.21
C THR B 87 -5.72 10.71 25.35
N LEU B 88 -5.39 9.93 24.32
CA LEU B 88 -5.44 8.46 24.38
C LEU B 88 -4.08 7.86 24.02
N GLU B 89 -3.43 7.24 25.00
CA GLU B 89 -2.12 6.64 24.80
C GLU B 89 -2.22 5.12 24.68
N LEU B 90 -1.57 4.59 23.65
CA LEU B 90 -1.65 3.16 23.35
C LEU B 90 -0.30 2.55 22.99
N PHE B 91 0.80 3.21 23.37
CA PHE B 91 2.13 2.75 22.98
C PHE B 91 2.59 1.52 23.75
N ASP B 92 3.67 0.89 23.27
CA ASP B 92 4.19 -0.37 23.83
C ASP B 92 3.08 -1.42 24.01
N ASN B 93 2.40 -1.71 22.90
CA ASN B 93 1.35 -2.71 22.86
C ASN B 93 1.53 -3.59 21.64
N ARG B 94 0.62 -4.54 21.44
CA ARG B 94 0.75 -5.55 20.40
C ARG B 94 -0.35 -5.43 19.35
N LEU B 95 -0.64 -4.20 18.92
CA LEU B 95 -1.60 -3.97 17.85
C LEU B 95 -0.95 -4.22 16.49
N THR B 96 -1.54 -5.13 15.72
CA THR B 96 -1.07 -5.42 14.37
C THR B 96 -1.66 -4.48 13.31
N THR B 97 -2.75 -3.79 13.67
CA THR B 97 -3.44 -2.83 12.80
C THR B 97 -3.93 -1.64 13.62
N VAL B 98 -4.17 -0.51 12.96
CA VAL B 98 -4.72 0.65 13.67
C VAL B 98 -6.20 0.39 13.99
N PRO B 99 -6.65 0.77 15.20
CA PRO B 99 -8.00 0.44 15.63
C PRO B 99 -9.05 1.48 15.20
N THR B 100 -9.22 1.61 13.89
CA THR B 100 -10.15 2.58 13.31
C THR B 100 -11.54 2.47 13.91
N GLN B 101 -12.06 1.25 13.89
CA GLN B 101 -13.41 0.93 14.37
C GLN B 101 -13.70 1.40 15.80
N ALA B 102 -12.68 1.37 16.65
CA ALA B 102 -12.81 1.78 18.06
C ALA B 102 -13.31 3.21 18.20
N PHE B 103 -12.83 4.08 17.31
CA PHE B 103 -13.13 5.52 17.38
C PHE B 103 -14.61 5.82 17.12
N GLU B 104 -15.16 6.76 17.88
CA GLU B 104 -16.52 7.27 17.64
C GLU B 104 -16.50 8.80 17.67
N TYR B 105 -16.24 9.39 16.49
CA TYR B 105 -16.06 10.83 16.30
C TYR B 105 -15.85 11.62 17.60
N LEU B 106 -14.69 11.40 18.22
CA LEU B 106 -14.34 12.04 19.49
C LEU B 106 -13.80 13.44 19.21
N SER B 107 -14.71 14.40 19.17
CA SER B 107 -14.38 15.80 18.85
C SER B 107 -13.43 16.44 19.84
N LYS B 108 -13.36 15.88 21.05
CA LYS B 108 -12.47 16.40 22.08
C LYS B 108 -11.09 15.74 22.00
N LEU B 109 -10.93 14.65 21.24
CA LEU B 109 -9.64 13.97 21.18
C LEU B 109 -8.64 14.88 20.48
N ARG B 110 -7.49 15.07 21.13
CA ARG B 110 -6.42 15.91 20.58
C ARG B 110 -5.07 15.19 20.41
N GLU B 111 -4.76 14.23 21.28
CA GLU B 111 -3.52 13.47 21.17
C GLU B 111 -3.78 11.98 21.04
N LEU B 112 -3.04 11.34 20.14
CA LEU B 112 -3.11 9.88 19.98
C LEU B 112 -1.69 9.36 19.87
N TRP B 113 -1.32 8.46 20.79
CA TRP B 113 0.01 7.86 20.82
C TRP B 113 -0.08 6.39 20.53
N LEU B 114 0.45 5.95 19.38
CA LEU B 114 0.42 4.54 19.01
C LEU B 114 1.81 3.97 18.74
N ARG B 115 2.86 4.65 19.19
CA ARG B 115 4.23 4.26 18.82
C ARG B 115 4.62 2.92 19.42
N ASN B 116 5.54 2.24 18.72
CA ASN B 116 6.03 0.92 19.12
C ASN B 116 4.92 -0.12 19.27
N ASN B 117 4.16 -0.29 18.19
CA ASN B 117 3.26 -1.42 18.05
C ASN B 117 3.60 -2.13 16.74
N PRO B 118 3.36 -3.44 16.68
CA PRO B 118 3.71 -4.20 15.48
C PRO B 118 2.68 -3.99 14.33
N ILE B 119 2.27 -2.73 14.15
CA ILE B 119 1.25 -2.36 13.19
C ILE B 119 1.79 -2.56 11.78
N GLU B 120 1.02 -3.24 10.93
CA GLU B 120 1.51 -3.62 9.60
C GLU B 120 1.03 -2.72 8.48
N SER B 121 0.00 -1.92 8.75
CA SER B 121 -0.55 -1.03 7.74
C SER B 121 -1.36 0.08 8.36
N ILE B 122 -1.25 1.28 7.79
CA ILE B 122 -2.16 2.36 8.09
C ILE B 122 -3.08 2.53 6.88
N PRO B 123 -4.31 1.97 6.93
CA PRO B 123 -5.15 1.98 5.75
C PRO B 123 -5.87 3.31 5.54
N SER B 124 -6.61 3.39 4.45
CA SER B 124 -7.34 4.59 4.08
C SER B 124 -8.35 4.97 5.15
N TYR B 125 -8.44 6.28 5.42
CA TYR B 125 -9.41 6.85 6.34
C TYR B 125 -9.30 6.27 7.75
N ALA B 126 -8.07 6.00 8.19
CA ALA B 126 -7.86 5.40 9.50
C ALA B 126 -8.22 6.33 10.65
N PHE B 127 -8.17 7.65 10.40
CA PHE B 127 -8.41 8.65 11.43
C PHE B 127 -9.53 9.63 11.09
N ASN B 128 -10.45 9.20 10.23
CA ASN B 128 -11.56 10.04 9.79
C ASN B 128 -12.68 10.14 10.85
N ARG B 129 -12.53 9.38 11.95
CA ARG B 129 -13.40 9.51 13.12
C ARG B 129 -12.80 10.48 14.16
N VAL B 130 -11.57 10.90 13.94
CA VAL B 130 -10.87 11.78 14.90
C VAL B 130 -10.23 12.99 14.20
N PRO B 131 -11.05 13.81 13.52
CA PRO B 131 -10.52 14.96 12.77
C PRO B 131 -9.88 16.01 13.69
N SER B 132 -10.33 16.02 14.94
CA SER B 132 -9.87 16.98 15.94
C SER B 132 -8.41 16.80 16.39
N LEU B 133 -7.81 15.64 16.10
CA LEU B 133 -6.42 15.35 16.49
C LEU B 133 -5.46 16.49 16.17
N ARG B 134 -4.64 16.84 17.16
CA ARG B 134 -3.57 17.82 16.98
C ARG B 134 -2.20 17.15 16.92
N ARG B 135 -1.97 16.17 17.80
CA ARG B 135 -0.71 15.42 17.85
C ARG B 135 -0.96 13.95 17.58
N LEU B 136 -0.16 13.36 16.69
CA LEU B 136 -0.23 11.94 16.40
C LEU B 136 1.18 11.36 16.41
N ASP B 137 1.36 10.27 17.15
CA ASP B 137 2.66 9.64 17.28
C ASP B 137 2.57 8.20 16.74
N LEU B 138 3.16 7.98 15.57
CA LEU B 138 3.19 6.67 14.93
C LEU B 138 4.63 6.24 14.74
N GLY B 139 5.48 6.58 15.70
CA GLY B 139 6.89 6.22 15.64
C GLY B 139 7.15 4.75 15.93
N GLU B 140 8.35 4.29 15.56
CA GLU B 140 8.83 2.93 15.88
C GLU B 140 7.89 1.81 15.45
N LEU B 141 7.15 2.04 14.36
CA LEU B 141 6.35 1.00 13.73
C LEU B 141 7.24 0.29 12.72
N LYS B 142 8.17 -0.51 13.24
CA LYS B 142 9.23 -1.12 12.43
C LYS B 142 8.75 -2.32 11.58
N ARG B 143 7.52 -2.76 11.80
CA ARG B 143 6.91 -3.83 11.02
C ARG B 143 5.90 -3.31 9.99
N LEU B 144 5.82 -1.98 9.87
CA LEU B 144 4.85 -1.33 8.99
C LEU B 144 5.20 -1.61 7.53
N GLU B 145 4.20 -2.00 6.72
CA GLU B 145 4.46 -2.42 5.34
C GLU B 145 4.01 -1.42 4.28
N TYR B 146 2.91 -0.72 4.55
CA TYR B 146 2.45 0.32 3.64
C TYR B 146 1.53 1.32 4.33
N ILE B 147 1.60 2.55 3.86
CA ILE B 147 0.69 3.60 4.32
C ILE B 147 -0.16 4.05 3.15
N SER B 148 -1.47 3.96 3.32
CA SER B 148 -2.42 4.32 2.27
C SER B 148 -2.26 5.78 1.86
N GLU B 149 -2.61 6.07 0.62
CA GLU B 149 -2.65 7.44 0.13
C GLU B 149 -3.68 8.24 0.93
N ALA B 150 -4.76 7.58 1.31
CA ALA B 150 -5.84 8.20 2.07
C ALA B 150 -5.69 8.03 3.59
N ALA B 151 -4.48 7.75 4.07
CA ALA B 151 -4.26 7.45 5.48
C ALA B 151 -4.75 8.53 6.42
N PHE B 152 -4.35 9.77 6.14
CA PHE B 152 -4.58 10.91 7.04
C PHE B 152 -5.72 11.83 6.63
N GLU B 153 -6.66 11.32 5.83
CA GLU B 153 -7.76 12.14 5.35
C GLU B 153 -8.65 12.56 6.52
N GLY B 154 -8.98 13.85 6.57
CA GLY B 154 -9.84 14.41 7.62
C GLY B 154 -9.10 15.21 8.69
N LEU B 155 -7.81 14.94 8.86
CA LEU B 155 -7.01 15.59 9.90
C LEU B 155 -6.53 16.97 9.46
N VAL B 156 -7.48 17.87 9.25
CA VAL B 156 -7.21 19.25 8.83
C VAL B 156 -6.65 20.10 9.98
N ASN B 157 -6.64 19.53 11.18
CA ASN B 157 -6.16 20.22 12.37
C ASN B 157 -4.89 19.62 12.96
N LEU B 158 -4.36 18.55 12.36
CA LEU B 158 -3.13 17.96 12.87
C LEU B 158 -1.96 18.95 12.76
N ARG B 159 -1.17 19.03 13.83
CA ARG B 159 -0.03 19.95 13.92
C ARG B 159 1.32 19.24 14.17
N TYR B 160 1.32 18.16 14.96
CA TYR B 160 2.51 17.35 15.16
C TYR B 160 2.28 15.93 14.68
N LEU B 161 3.17 15.43 13.83
CA LEU B 161 3.15 14.04 13.39
C LEU B 161 4.55 13.44 13.53
N ASN B 162 4.61 12.19 14.01
CA ASN B 162 5.88 11.48 14.16
C ASN B 162 5.83 10.14 13.45
N LEU B 163 6.57 10.04 12.35
CA LEU B 163 6.72 8.79 11.62
C LEU B 163 8.17 8.34 11.67
N GLY B 164 8.84 8.62 12.80
CA GLY B 164 10.24 8.29 12.97
C GLY B 164 10.44 6.81 13.22
N MET B 165 11.59 6.30 12.77
CA MET B 165 12.01 4.91 12.99
C MET B 165 11.00 3.86 12.52
N CYS B 166 10.31 4.16 11.42
CA CYS B 166 9.55 3.16 10.70
C CYS B 166 10.27 2.96 9.38
N ASN B 167 10.61 1.73 9.04
CA ASN B 167 11.34 1.43 7.80
C ASN B 167 10.51 1.87 6.60
N LEU B 168 10.64 3.13 6.19
CA LEU B 168 9.82 3.69 5.11
C LEU B 168 10.66 3.93 3.88
N LYS B 169 10.37 3.15 2.84
CA LYS B 169 11.01 3.34 1.54
C LYS B 169 10.62 4.66 0.89
N ASP B 170 9.40 5.12 1.18
CA ASP B 170 8.85 6.33 0.55
C ASP B 170 8.08 7.19 1.56
N ILE B 171 8.05 8.50 1.31
CA ILE B 171 7.25 9.41 2.11
C ILE B 171 5.80 9.21 1.70
N PRO B 172 4.88 9.08 2.67
CA PRO B 172 3.45 8.93 2.36
C PRO B 172 2.77 10.26 2.00
N ASN B 173 1.53 10.18 1.51
CA ASN B 173 0.80 11.39 1.12
C ASN B 173 0.34 12.16 2.33
N LEU B 174 0.79 13.41 2.43
CA LEU B 174 0.52 14.29 3.57
C LEU B 174 -0.17 15.58 3.14
N THR B 175 -0.73 15.62 1.93
CA THR B 175 -1.33 16.86 1.43
C THR B 175 -2.63 17.18 2.19
N ALA B 176 -3.22 16.16 2.82
CA ALA B 176 -4.38 16.36 3.70
C ALA B 176 -4.03 17.19 4.93
N LEU B 177 -2.81 17.03 5.44
CA LEU B 177 -2.39 17.69 6.66
C LEU B 177 -1.99 19.16 6.40
N VAL B 178 -2.98 19.98 6.09
CA VAL B 178 -2.74 21.37 5.69
C VAL B 178 -2.17 22.26 6.82
N ARG B 179 -2.55 21.98 8.06
CA ARG B 179 -2.12 22.82 9.21
C ARG B 179 -0.94 22.23 9.99
N LEU B 180 -0.26 21.24 9.42
CA LEU B 180 0.86 20.60 10.10
C LEU B 180 1.99 21.59 10.38
N GLU B 181 2.65 21.43 11.53
CA GLU B 181 3.72 22.31 11.99
C GLU B 181 5.05 21.57 12.19
N GLU B 182 5.01 20.39 12.80
CA GLU B 182 6.21 19.56 13.02
C GLU B 182 6.04 18.20 12.38
N LEU B 183 7.10 17.72 11.72
CA LEU B 183 7.07 16.41 11.07
C LEU B 183 8.40 15.68 11.27
N GLU B 184 8.37 14.52 11.94
CA GLU B 184 9.58 13.75 12.23
C GLU B 184 9.60 12.49 11.37
N LEU B 185 10.58 12.41 10.47
CA LEU B 185 10.73 11.24 9.59
C LEU B 185 12.10 10.57 9.68
N SER B 186 12.78 10.75 10.80
CA SER B 186 14.11 10.19 11.02
C SER B 186 14.08 8.66 11.16
N GLY B 187 15.19 8.03 10.79
CA GLY B 187 15.32 6.59 10.94
C GLY B 187 14.53 5.78 9.93
N ASN B 188 14.37 6.32 8.73
CA ASN B 188 13.67 5.62 7.65
C ASN B 188 14.62 5.32 6.49
N ARG B 189 14.15 4.55 5.50
CA ARG B 189 14.97 4.18 4.35
C ARG B 189 14.64 5.05 3.15
N LEU B 190 14.30 6.32 3.39
CA LEU B 190 13.86 7.24 2.32
C LEU B 190 15.05 7.60 1.43
N ASP B 191 15.15 6.94 0.28
CA ASP B 191 16.33 7.08 -0.57
C ASP B 191 16.31 8.39 -1.36
N LEU B 192 15.29 8.53 -2.20
CA LEU B 192 15.12 9.71 -3.06
C LEU B 192 13.96 10.54 -2.56
N ILE B 193 14.12 11.85 -2.54
CA ILE B 193 13.06 12.78 -2.12
C ILE B 193 12.50 13.55 -3.33
N ARG B 194 11.31 13.15 -3.77
CA ARG B 194 10.71 13.70 -4.97
C ARG B 194 10.10 15.10 -4.72
N PRO B 195 10.04 15.95 -5.77
CA PRO B 195 9.63 17.35 -5.64
C PRO B 195 8.33 17.58 -4.87
N GLY B 196 7.29 16.80 -5.19
CA GLY B 196 5.98 17.00 -4.61
C GLY B 196 5.71 16.18 -3.36
N SER B 197 6.75 15.75 -2.66
CA SER B 197 6.57 14.93 -1.46
C SER B 197 5.94 15.74 -0.31
N PHE B 198 6.25 17.03 -0.26
CA PHE B 198 5.77 17.91 0.80
C PHE B 198 4.86 19.00 0.23
N GLN B 199 3.98 18.58 -0.68
CA GLN B 199 3.08 19.47 -1.39
C GLN B 199 2.04 20.07 -0.44
N GLY B 200 1.86 21.39 -0.54
CA GLY B 200 0.80 22.09 0.17
C GLY B 200 0.88 22.04 1.68
N LEU B 201 2.10 21.99 2.22
CA LEU B 201 2.35 22.03 3.66
C LEU B 201 2.89 23.41 4.05
N THR B 202 2.14 24.44 3.71
CA THR B 202 2.57 25.82 3.88
C THR B 202 2.78 26.21 5.34
N SER B 203 2.16 25.49 6.27
CA SER B 203 2.24 25.82 7.69
C SER B 203 3.41 25.16 8.41
N LEU B 204 4.11 24.23 7.75
CA LEU B 204 5.15 23.43 8.41
C LEU B 204 6.35 24.28 8.85
N ARG B 205 6.78 24.08 10.09
CA ARG B 205 7.86 24.86 10.70
C ARG B 205 9.13 24.04 10.88
N LYS B 206 9.01 22.84 11.43
CA LYS B 206 10.16 21.94 11.62
C LYS B 206 9.99 20.65 10.81
N LEU B 207 11.10 20.22 10.21
CA LEU B 207 11.17 18.94 9.50
C LEU B 207 12.45 18.25 9.94
N TRP B 208 12.35 16.96 10.31
CA TRP B 208 13.50 16.17 10.75
C TRP B 208 13.67 14.95 9.88
N LEU B 209 14.83 14.84 9.24
CA LEU B 209 15.16 13.73 8.34
C LEU B 209 16.52 13.11 8.68
N MET B 210 16.77 12.94 9.98
CA MET B 210 18.05 12.42 10.47
C MET B 210 18.12 10.91 10.27
N HIS B 211 19.29 10.39 9.92
CA HIS B 211 19.45 8.96 9.68
C HIS B 211 18.35 8.41 8.80
N ALA B 212 18.11 9.07 7.67
CA ALA B 212 17.01 8.67 6.77
C ALA B 212 17.52 8.04 5.48
N GLN B 213 18.82 7.77 5.42
CA GLN B 213 19.45 7.22 4.22
C GLN B 213 19.09 7.98 2.96
N VAL B 214 18.99 9.31 3.06
CA VAL B 214 18.68 10.15 1.90
C VAL B 214 19.95 10.38 1.07
N ALA B 215 19.92 9.90 -0.17
CA ALA B 215 20.99 10.14 -1.13
C ALA B 215 20.69 11.38 -1.96
N THR B 216 19.50 11.40 -2.56
CA THR B 216 19.13 12.43 -3.52
C THR B 216 17.93 13.24 -3.07
N ILE B 217 18.03 14.56 -3.24
CA ILE B 217 16.89 15.44 -3.15
C ILE B 217 16.76 16.15 -4.48
N GLU B 218 15.60 15.99 -5.11
CA GLU B 218 15.39 16.57 -6.43
C GLU B 218 15.07 18.05 -6.28
N ARG B 219 15.23 18.79 -7.39
CA ARG B 219 14.90 20.22 -7.43
C ARG B 219 13.50 20.49 -6.91
N ASN B 220 13.30 21.67 -6.35
CA ASN B 220 11.97 22.15 -5.94
C ASN B 220 11.31 21.31 -4.84
N ALA B 221 12.07 20.44 -4.17
CA ALA B 221 11.51 19.48 -3.22
C ALA B 221 10.86 20.12 -2.00
N PHE B 222 11.24 21.36 -1.69
CA PHE B 222 10.71 22.07 -0.52
C PHE B 222 9.99 23.39 -0.84
N ASP B 223 9.69 23.65 -2.10
CA ASP B 223 9.08 24.92 -2.51
C ASP B 223 7.83 25.33 -1.74
N ASP B 224 7.02 24.34 -1.35
CA ASP B 224 5.76 24.60 -0.64
C ASP B 224 5.97 24.98 0.82
N LEU B 225 7.10 24.54 1.39
CA LEU B 225 7.38 24.68 2.83
C LEU B 225 7.79 26.09 3.15
N LYS B 226 6.85 27.03 3.03
CA LYS B 226 7.14 28.46 3.10
C LYS B 226 7.32 28.96 4.54
N SER B 227 6.81 28.21 5.51
CA SER B 227 6.93 28.58 6.92
C SER B 227 8.10 27.89 7.61
N LEU B 228 8.85 27.06 6.89
CA LEU B 228 9.87 26.25 7.56
C LEU B 228 10.95 27.10 8.21
N GLU B 229 11.30 26.72 9.43
CA GLU B 229 12.32 27.40 10.23
C GLU B 229 13.53 26.49 10.49
N GLU B 230 13.28 25.20 10.71
CA GLU B 230 14.31 24.23 11.05
C GLU B 230 14.29 23.03 10.10
N LEU B 231 15.47 22.62 9.63
CA LEU B 231 15.61 21.45 8.76
C LEU B 231 16.81 20.62 9.22
N ASN B 232 16.66 19.30 9.24
CA ASN B 232 17.74 18.42 9.69
C ASN B 232 17.96 17.29 8.70
N LEU B 233 19.00 17.43 7.89
CA LEU B 233 19.40 16.41 6.93
C LEU B 233 20.69 15.74 7.37
N SER B 234 20.94 15.73 8.69
CA SER B 234 22.14 15.15 9.26
C SER B 234 22.15 13.63 9.13
N HIS B 235 23.35 13.05 9.10
CA HIS B 235 23.52 11.60 9.00
C HIS B 235 22.69 11.03 7.89
N ASN B 236 23.01 11.48 6.68
CA ASN B 236 22.38 10.95 5.47
C ASN B 236 23.50 10.69 4.47
N ASN B 237 23.17 10.37 3.23
CA ASN B 237 24.20 10.13 2.22
C ASN B 237 24.15 11.16 1.10
N LEU B 238 23.91 12.42 1.47
CA LEU B 238 23.82 13.49 0.49
C LEU B 238 25.20 13.89 -0.01
N MET B 239 25.37 13.92 -1.32
CA MET B 239 26.61 14.37 -1.96
C MET B 239 26.52 15.83 -2.34
N SER B 240 25.32 16.26 -2.72
CA SER B 240 25.04 17.65 -3.03
C SER B 240 23.56 17.96 -2.87
N LEU B 241 23.23 19.24 -2.95
CA LEU B 241 21.85 19.69 -2.93
C LEU B 241 21.56 20.48 -4.20
N PRO B 242 20.33 20.37 -4.74
CA PRO B 242 20.01 21.00 -6.00
C PRO B 242 19.88 22.51 -5.86
N HIS B 243 19.94 23.21 -6.99
CA HIS B 243 20.02 24.65 -7.00
C HIS B 243 18.78 25.28 -6.44
N ASP B 244 18.96 26.38 -5.71
CA ASP B 244 17.85 27.15 -5.15
C ASP B 244 16.85 26.32 -4.34
N LEU B 245 17.32 25.23 -3.75
CA LEU B 245 16.46 24.39 -2.92
C LEU B 245 15.96 25.16 -1.69
N PHE B 246 16.75 26.12 -1.22
CA PHE B 246 16.42 26.92 -0.04
C PHE B 246 16.00 28.36 -0.34
N THR B 247 16.20 28.83 -1.56
CA THR B 247 15.84 30.20 -1.93
C THR B 247 14.38 30.56 -1.60
N PRO B 248 13.43 29.63 -1.87
CA PRO B 248 12.03 29.90 -1.53
C PRO B 248 11.71 29.90 -0.04
N LEU B 249 12.55 29.23 0.76
CA LEU B 249 12.29 29.07 2.19
C LEU B 249 12.84 30.30 2.94
N HIS B 250 12.07 31.37 2.92
CA HIS B 250 12.52 32.66 3.45
C HIS B 250 12.71 32.69 4.94
N ARG B 251 11.98 31.86 5.67
CA ARG B 251 12.05 31.86 7.14
C ARG B 251 13.03 30.82 7.69
N LEU B 252 13.46 29.90 6.83
CA LEU B 252 14.42 28.85 7.20
C LEU B 252 15.71 29.44 7.74
N GLU B 253 15.94 29.26 9.04
CA GLU B 253 17.13 29.84 9.68
C GLU B 253 18.13 28.80 10.19
N ARG B 254 17.66 27.62 10.61
CA ARG B 254 18.55 26.60 11.14
C ARG B 254 18.54 25.31 10.33
N VAL B 255 19.71 24.90 9.88
CA VAL B 255 19.85 23.73 9.03
C VAL B 255 21.05 22.89 9.46
N HIS B 256 20.80 21.60 9.67
CA HIS B 256 21.86 20.65 10.02
C HIS B 256 22.24 19.86 8.82
N LEU B 257 23.51 19.93 8.43
CA LEU B 257 24.01 19.25 7.24
C LEU B 257 25.14 18.25 7.52
N ASN B 258 25.54 18.15 8.78
CA ASN B 258 26.70 17.36 9.16
C ASN B 258 26.53 15.85 8.98
N HIS B 259 27.66 15.16 8.85
CA HIS B 259 27.71 13.71 8.61
C HIS B 259 27.01 13.34 7.33
N ASN B 260 27.53 13.90 6.25
CA ASN B 260 27.09 13.61 4.89
C ASN B 260 28.32 13.56 4.00
N PRO B 261 28.37 12.63 3.03
CA PRO B 261 29.53 12.54 2.15
C PRO B 261 29.56 13.65 1.10
N TRP B 262 29.62 14.90 1.55
CA TRP B 262 29.50 16.06 0.65
C TRP B 262 30.60 16.07 -0.38
N HIS B 263 30.21 16.18 -1.64
CA HIS B 263 31.17 16.34 -2.73
C HIS B 263 31.27 17.80 -3.06
N CYS B 264 32.46 18.37 -2.83
CA CYS B 264 32.65 19.81 -2.96
C CYS B 264 33.18 20.23 -4.33
N ASN B 265 32.25 20.39 -5.27
CA ASN B 265 32.53 20.96 -6.57
C ASN B 265 31.61 22.17 -6.77
N CYS B 266 31.50 22.68 -7.99
CA CYS B 266 30.70 23.88 -8.25
C CYS B 266 29.17 23.63 -8.18
N ASP B 267 28.76 22.36 -8.19
CA ASP B 267 27.36 22.01 -7.91
C ASP B 267 26.92 22.47 -6.51
N VAL B 268 27.89 22.63 -5.60
CA VAL B 268 27.62 23.04 -4.23
C VAL B 268 28.10 24.48 -3.93
N LEU B 269 28.37 25.26 -4.98
CA LEU B 269 28.81 26.65 -4.84
C LEU B 269 27.74 27.49 -4.15
N TRP B 270 26.50 27.32 -4.59
CA TRP B 270 25.39 28.10 -4.05
C TRP B 270 25.21 27.88 -2.57
N LEU B 271 25.43 26.64 -2.12
CA LEU B 271 25.21 26.30 -0.73
C LEU B 271 26.25 26.96 0.17
N SER B 272 27.49 27.09 -0.31
CA SER B 272 28.51 27.80 0.45
C SER B 272 28.10 29.26 0.68
N TRP B 273 27.51 29.87 -0.35
CA TRP B 273 27.00 31.24 -0.26
C TRP B 273 25.83 31.32 0.68
N TRP B 274 24.94 30.34 0.60
CA TRP B 274 23.78 30.29 1.49
C TRP B 274 24.23 30.17 2.93
N LEU B 275 25.24 29.34 3.16
CA LEU B 275 25.80 29.17 4.49
C LEU B 275 26.42 30.46 5.02
N LYS B 276 27.10 31.20 4.15
CA LYS B 276 27.71 32.48 4.53
C LYS B 276 26.64 33.51 4.88
N GLU B 277 25.57 33.56 4.09
CA GLU B 277 24.46 34.48 4.29
C GLU B 277 23.64 34.15 5.53
N THR B 278 23.27 32.88 5.67
CA THR B 278 22.35 32.46 6.73
C THR B 278 23.02 32.25 8.08
N VAL B 279 24.19 31.64 8.09
CA VAL B 279 24.94 31.39 9.33
C VAL B 279 26.39 31.88 9.19
N PRO B 280 26.60 33.20 9.25
CA PRO B 280 27.91 33.79 9.01
C PRO B 280 28.94 33.52 10.10
N SER B 281 28.47 33.30 11.33
CA SER B 281 29.37 33.02 12.46
C SER B 281 30.02 31.63 12.38
N ASN B 282 29.41 30.72 11.61
CA ASN B 282 30.02 29.42 11.31
C ASN B 282 31.20 29.59 10.36
N THR B 283 32.42 29.55 10.91
CA THR B 283 33.62 29.87 10.15
C THR B 283 34.24 28.62 9.52
N THR B 284 34.35 27.55 10.29
CA THR B 284 34.94 26.28 9.81
C THR B 284 34.22 25.06 10.41
N CYS B 285 32.89 25.06 10.36
CA CYS B 285 32.07 24.05 11.03
C CYS B 285 30.59 24.17 10.63
N CYS B 286 29.84 23.06 10.52
CA CYS B 286 30.31 21.69 10.79
C CYS B 286 29.93 20.70 9.67
N ALA B 287 29.67 21.20 8.46
CA ALA B 287 29.37 20.36 7.32
C ALA B 287 30.60 20.26 6.42
N ARG B 288 31.26 19.11 6.43
CA ARG B 288 32.55 18.94 5.76
C ARG B 288 32.46 18.31 4.37
N CYS B 289 33.42 18.65 3.52
CA CYS B 289 33.61 17.96 2.25
C CYS B 289 34.35 16.66 2.48
N HIS B 290 33.81 15.56 1.96
CA HIS B 290 34.52 14.29 1.94
C HIS B 290 35.38 14.21 0.71
N ALA B 291 34.83 14.60 -0.43
CA ALA B 291 35.59 14.68 -1.69
C ALA B 291 35.52 16.09 -2.28
N PRO B 292 36.53 16.49 -3.06
CA PRO B 292 37.76 15.78 -3.43
C PRO B 292 38.82 15.84 -2.34
N ALA B 293 39.98 15.24 -2.60
CA ALA B 293 41.06 15.17 -1.60
C ALA B 293 41.66 16.54 -1.28
N GLY B 294 41.89 17.36 -2.30
CA GLY B 294 42.41 18.71 -2.12
C GLY B 294 41.56 19.57 -1.22
N LEU B 295 40.28 19.19 -1.05
CA LEU B 295 39.34 19.95 -0.24
C LEU B 295 38.75 19.13 0.92
N LYS B 296 39.30 17.94 1.18
CA LYS B 296 38.76 17.09 2.24
C LYS B 296 38.81 17.79 3.59
N GLY B 297 37.78 17.55 4.41
CA GLY B 297 37.70 18.11 5.75
C GLY B 297 37.29 19.56 5.84
N ARG B 298 37.19 20.25 4.70
CA ARG B 298 36.90 21.69 4.69
C ARG B 298 35.42 21.95 4.87
N TYR B 299 35.12 23.07 5.51
CA TYR B 299 33.74 23.48 5.73
C TYR B 299 33.16 24.01 4.41
N ILE B 300 32.01 23.47 4.01
CA ILE B 300 31.38 23.84 2.74
C ILE B 300 31.31 25.36 2.58
N GLY B 301 30.95 26.04 3.66
CA GLY B 301 30.72 27.47 3.65
C GLY B 301 31.96 28.34 3.62
N GLU B 302 33.16 27.77 3.63
CA GLU B 302 34.38 28.57 3.44
C GLU B 302 34.87 28.51 1.99
N LEU B 303 34.21 27.72 1.15
CA LEU B 303 34.56 27.59 -0.27
C LEU B 303 34.10 28.80 -1.09
N ASP B 304 34.73 28.97 -2.26
CA ASP B 304 34.34 30.00 -3.24
C ASP B 304 34.73 29.58 -4.67
N GLN B 305 34.51 30.47 -5.64
CA GLN B 305 34.68 30.11 -7.06
C GLN B 305 36.11 29.73 -7.47
N SER B 306 37.11 30.07 -6.65
CA SER B 306 38.50 29.72 -6.97
C SER B 306 38.80 28.24 -6.71
N HIS B 307 37.93 27.57 -5.95
CA HIS B 307 38.15 26.19 -5.50
C HIS B 307 37.71 25.14 -6.49
N PHE B 308 36.96 25.54 -7.51
CA PHE B 308 36.49 24.61 -8.55
C PHE B 308 36.01 25.38 -9.78
N THR B 309 36.07 24.75 -10.94
CA THR B 309 35.65 25.39 -12.19
C THR B 309 34.14 25.27 -12.34
N CYS B 310 33.52 26.28 -12.94
CA CYS B 310 32.06 26.38 -12.98
C CYS B 310 31.54 26.56 -14.39
N TYR B 311 30.45 25.85 -14.71
CA TYR B 311 29.87 25.86 -16.06
C TYR B 311 28.38 26.19 -15.99
N ALA B 312 27.78 26.44 -17.16
CA ALA B 312 26.33 26.44 -17.31
C ALA B 312 25.89 25.10 -17.89
N GLY B 313 24.58 24.86 -17.93
CA GLY B 313 24.05 23.57 -18.36
C GLY B 313 24.56 23.10 -19.71
#